data_6SKD
#
_entry.id   6SKD
#
_cell.length_a   58.030
_cell.length_b   46.240
_cell.length_c   80.440
_cell.angle_alpha   90.000
_cell.angle_beta   98.580
_cell.angle_gamma   90.000
#
_symmetry.space_group_name_H-M   'P 1 21 1'
#
loop_
_entity.id
_entity.type
_entity.pdbx_description
1 polymer Kallikrein-6
2 non-polymer 'UNKNOWN ATOM OR ION'
3 non-polymer 4-[[(3~{S})-1-oxidanyl-3,4-dihydro-2,1-benzoxaborinin-3-yl]methylamino]benzenecarboximidamide
4 non-polymer GLYCEROL
5 water water
#
_entity_poly.entity_id   1
_entity_poly.type   'polypeptide(L)'
_entity_poly.pdbx_seq_one_letter_code
;LVHGGPCDKTSHPYQAALYTSGHLLCGGVLIHPLWVLTAAHCKKPNLQVFLGKHNLGQQESSQEQSSVVRAVIHPDYDAA
SHDQDIMLLRLARPAKLSELIQPLPLERDCSAQTTSCHILGWGKTADGDFPDTIQCAYIHLVSREECEHAYPGQITQNML
CAGDEKYGKDSCQGDSGGPLVCGDHLRGLVSWGNYPCGSKEKPGVYTNVCRYTNWIQKTIQAK
;
_entity_poly.pdbx_strand_id   A,B
#
loop_
_chem_comp.id
_chem_comp.type
_chem_comp.name
_chem_comp.formula
GOL non-polymer GLYCEROL 'C3 H8 O3'
LH2 non-polymer 4-[[(3~{S})-1-oxidanyl-3,4-dihydro-2,1-benzoxaborinin-3-yl]methylamino]benzenecarboximidamide 'C16 H18 B N3 O2'
UNX non-polymer 'UNKNOWN ATOM OR ION' ?
#
# COMPACT_ATOMS: atom_id res chain seq x y z
N LEU A 1 11.52 -1.41 -8.66
CA LEU A 1 12.80 -1.25 -9.34
C LEU A 1 13.32 -2.64 -9.76
N VAL A 2 13.27 -2.94 -11.07
CA VAL A 2 13.69 -4.23 -11.63
C VAL A 2 15.21 -4.33 -11.76
N HIS A 3 15.71 -5.58 -11.58
CA HIS A 3 17.11 -6.01 -11.73
C HIS A 3 18.12 -5.15 -10.92
N GLY A 4 17.69 -4.73 -9.73
CA GLY A 4 18.52 -3.95 -8.82
C GLY A 4 18.81 -4.67 -7.52
N GLY A 5 19.64 -4.05 -6.70
CA GLY A 5 20.00 -4.58 -5.39
C GLY A 5 19.65 -3.65 -4.25
N PRO A 6 19.58 -4.17 -3.00
CA PRO A 6 19.27 -3.28 -1.86
C PRO A 6 20.33 -2.18 -1.71
N CYS A 7 19.88 -0.93 -1.48
CA CYS A 7 20.71 0.25 -1.33
C CYS A 7 21.56 0.25 -0.08
N ASP A 8 22.66 0.99 -0.14
CA ASP A 8 23.55 1.31 0.97
C ASP A 8 22.66 2.27 1.79
N LYS A 9 22.41 1.94 3.08
CA LYS A 9 21.53 2.67 4.00
C LYS A 9 21.83 4.18 4.12
N THR A 10 23.08 4.56 3.78
CA THR A 10 23.61 5.92 3.91
C THR A 10 23.57 6.76 2.61
N SER A 11 23.34 6.10 1.47
CA SER A 11 23.41 6.70 0.14
C SER A 11 22.14 7.37 -0.38
N HIS A 12 21.09 7.49 0.46
CA HIS A 12 19.81 8.05 -0.03
C HIS A 12 19.12 9.02 0.95
N PRO A 13 19.83 10.01 1.57
CA PRO A 13 19.17 10.91 2.54
C PRO A 13 17.97 11.68 2.00
N TYR A 14 18.06 12.09 0.72
CA TYR A 14 17.07 12.85 -0.03
C TYR A 14 15.82 12.02 -0.45
N GLN A 15 15.74 10.75 -0.08
CA GLN A 15 14.65 9.92 -0.55
C GLN A 15 13.36 10.03 0.26
N ALA A 16 12.22 10.20 -0.46
CA ALA A 16 10.89 10.29 0.12
C ALA A 16 10.02 9.09 -0.25
N ALA A 17 9.20 8.64 0.69
CA ALA A 17 8.24 7.53 0.52
C ALA A 17 6.87 8.18 0.65
N LEU A 18 6.08 8.17 -0.43
CA LEU A 18 4.76 8.77 -0.46
C LEU A 18 3.72 7.71 -0.26
N TYR A 19 2.84 7.92 0.72
CA TYR A 19 1.79 6.98 1.08
C TYR A 19 0.38 7.52 0.88
N THR A 20 -0.54 6.62 0.51
CA THR A 20 -1.97 6.89 0.37
C THR A 20 -2.74 5.63 0.69
N SER A 21 -3.88 5.77 1.43
CA SER A 21 -4.76 4.66 1.87
C SER A 21 -3.99 3.51 2.63
N GLY A 22 -2.81 3.86 3.19
CA GLY A 22 -1.96 2.98 3.98
C GLY A 22 -0.86 2.21 3.26
N HIS A 23 -0.76 2.40 1.93
CA HIS A 23 0.19 1.71 1.06
C HIS A 23 1.07 2.66 0.24
N LEU A 24 2.32 2.23 -0.06
CA LEU A 24 3.29 3.03 -0.82
C LEU A 24 2.79 3.25 -2.21
N LEU A 25 2.66 4.53 -2.57
CA LEU A 25 2.18 4.93 -3.88
C LEU A 25 3.33 5.34 -4.78
N CYS A 26 4.16 6.28 -4.28
CA CYS A 26 5.24 6.88 -5.05
C CYS A 26 6.53 7.01 -4.30
N GLY A 27 7.48 7.67 -4.97
CA GLY A 27 8.76 8.06 -4.44
C GLY A 27 8.77 9.56 -4.48
N GLY A 28 9.86 10.13 -4.05
CA GLY A 28 9.99 11.58 -4.09
C GLY A 28 11.38 11.98 -3.70
N VAL A 29 11.68 13.27 -3.90
CA VAL A 29 13.00 13.80 -3.57
C VAL A 29 12.84 14.99 -2.65
N LEU A 30 13.51 14.99 -1.51
CA LEU A 30 13.57 16.18 -0.67
C LEU A 30 14.55 17.13 -1.37
N ILE A 31 14.04 18.30 -1.76
CA ILE A 31 14.84 19.28 -2.51
C ILE A 31 15.01 20.60 -1.71
N HIS A 32 14.26 20.74 -0.61
CA HIS A 32 14.22 21.93 0.25
C HIS A 32 13.68 21.48 1.61
N PRO A 33 14.15 22.04 2.74
CA PRO A 33 13.60 21.62 4.05
C PRO A 33 12.08 21.51 4.12
N LEU A 34 11.35 22.27 3.26
CA LEU A 34 9.89 22.29 3.22
C LEU A 34 9.24 21.68 1.97
N TRP A 35 10.05 21.22 0.99
CA TRP A 35 9.48 20.73 -0.28
C TRP A 35 9.96 19.40 -0.81
N VAL A 36 8.99 18.58 -1.22
CA VAL A 36 9.28 17.34 -1.90
C VAL A 36 8.89 17.50 -3.42
N LEU A 37 9.78 17.05 -4.29
CA LEU A 37 9.55 16.99 -5.72
C LEU A 37 9.08 15.56 -6.02
N THR A 38 8.12 15.42 -6.91
CA THR A 38 7.58 14.10 -7.31
C THR A 38 6.93 14.26 -8.71
N ALA A 39 6.35 13.18 -9.25
CA ALA A 39 5.63 13.15 -10.53
C ALA A 39 4.23 13.66 -10.25
N ALA A 40 3.55 14.22 -11.24
CA ALA A 40 2.20 14.77 -11.10
C ALA A 40 1.13 13.68 -10.99
N HIS A 41 1.32 12.50 -11.61
CA HIS A 41 0.32 11.42 -11.49
C HIS A 41 0.22 10.86 -10.06
N CYS A 42 1.14 11.30 -9.16
CA CYS A 42 1.19 10.92 -7.76
C CYS A 42 0.21 11.71 -6.89
N LYS A 43 -0.52 12.68 -7.50
CA LYS A 43 -1.57 13.40 -6.80
C LYS A 43 -2.72 12.42 -6.50
N LYS A 44 -2.75 11.96 -5.24
CA LYS A 44 -3.72 11.04 -4.65
C LYS A 44 -4.16 11.63 -3.31
N PRO A 45 -5.38 11.29 -2.77
CA PRO A 45 -5.82 11.88 -1.50
C PRO A 45 -4.92 11.70 -0.28
N ASN A 46 -4.86 12.78 0.52
CA ASN A 46 -4.18 12.92 1.80
C ASN A 46 -2.80 12.29 1.78
N LEU A 47 -1.90 12.85 0.96
CA LEU A 47 -0.56 12.29 0.87
C LEU A 47 0.25 12.45 2.15
N GLN A 48 0.96 11.38 2.55
CA GLN A 48 1.80 11.33 3.72
C GLN A 48 3.21 11.02 3.25
N VAL A 49 4.11 11.99 3.47
CA VAL A 49 5.51 11.92 3.05
C VAL A 49 6.34 11.39 4.19
N PHE A 50 7.08 10.30 3.95
CA PHE A 50 7.96 9.71 4.95
C PHE A 50 9.40 9.93 4.46
N LEU A 51 10.19 10.66 5.26
CA LEU A 51 11.59 10.96 4.98
C LEU A 51 12.49 10.09 5.86
N GLY A 52 13.77 9.94 5.48
CA GLY A 52 14.73 9.14 6.22
C GLY A 52 14.34 7.69 6.44
N LYS A 53 13.75 7.08 5.41
CA LYS A 53 13.29 5.69 5.40
C LYS A 53 14.21 4.80 4.60
N HIS A 54 14.37 3.56 5.06
CA HIS A 54 15.16 2.53 4.39
C HIS A 54 14.26 1.28 4.26
N ASN A 55 13.82 0.75 5.40
CA ASN A 55 12.93 -0.40 5.42
C ASN A 55 11.54 0.09 5.77
N LEU A 56 10.58 -0.15 4.85
CA LEU A 56 9.20 0.25 4.99
C LEU A 56 8.42 -0.60 5.97
N GLY A 57 8.95 -1.82 6.23
CA GLY A 57 8.34 -2.78 7.14
C GLY A 57 8.56 -2.47 8.61
N GLN A 58 9.75 -1.93 8.92
CA GLN A 58 10.14 -1.60 10.31
C GLN A 58 10.11 -0.11 10.62
N GLN A 59 9.85 0.23 11.91
CA GLN A 59 9.88 1.61 12.38
C GLN A 59 11.35 1.92 12.62
N GLU A 60 11.80 3.12 12.23
CA GLU A 60 13.21 3.49 12.31
C GLU A 60 13.44 4.76 13.10
N SER A 61 14.56 4.81 13.87
CA SER A 61 14.92 5.95 14.70
C SER A 61 15.13 7.26 13.90
N SER A 62 15.49 7.14 12.60
CA SER A 62 15.72 8.29 11.74
C SER A 62 14.50 8.75 10.93
N GLN A 63 13.40 7.97 10.90
CA GLN A 63 12.23 8.33 10.10
C GLN A 63 11.45 9.52 10.64
N GLU A 64 10.99 10.37 9.71
CA GLU A 64 10.17 11.57 9.94
C GLU A 64 8.98 11.50 8.98
N GLN A 65 7.82 11.93 9.43
CA GLN A 65 6.61 11.91 8.63
C GLN A 65 5.96 13.29 8.57
N SER A 66 5.35 13.61 7.39
CA SER A 66 4.65 14.88 7.22
C SER A 66 3.51 14.84 6.22
N SER A 67 2.42 15.54 6.56
CA SER A 67 1.26 15.70 5.70
C SER A 67 1.58 16.75 4.63
N VAL A 68 0.68 16.88 3.65
CA VAL A 68 0.91 17.81 2.55
C VAL A 68 -0.07 18.99 2.64
N VAL A 69 0.49 20.17 2.95
CA VAL A 69 -0.21 21.47 3.06
C VAL A 69 -0.72 21.81 1.66
N ARG A 70 0.16 21.71 0.66
CA ARG A 70 -0.14 22.01 -0.74
C ARG A 70 0.58 21.08 -1.71
N ALA A 71 -0.13 20.64 -2.76
CA ALA A 71 0.40 19.84 -3.86
C ALA A 71 0.24 20.70 -5.14
N VAL A 72 1.36 21.20 -5.67
CA VAL A 72 1.43 22.04 -6.86
C VAL A 72 1.86 21.25 -8.12
N ILE A 73 0.89 20.96 -8.99
CA ILE A 73 1.11 20.24 -10.25
C ILE A 73 1.43 21.31 -11.31
N HIS A 74 2.39 20.99 -12.20
CA HIS A 74 2.78 21.88 -13.25
C HIS A 74 1.55 22.20 -14.07
N PRO A 75 1.29 23.52 -14.38
CA PRO A 75 0.06 23.88 -15.09
C PRO A 75 -0.17 23.17 -16.41
N ASP A 76 0.91 22.65 -17.05
CA ASP A 76 0.92 22.00 -18.36
C ASP A 76 1.10 20.46 -18.35
N TYR A 77 0.68 19.78 -17.27
CA TYR A 77 0.71 18.33 -17.20
C TYR A 77 -0.39 17.77 -18.08
N ASP A 78 -0.02 16.81 -18.95
CA ASP A 78 -0.93 16.09 -19.84
C ASP A 78 -0.85 14.64 -19.35
N ALA A 79 -1.87 14.19 -18.60
CA ALA A 79 -1.91 12.84 -18.03
C ALA A 79 -1.88 11.72 -19.07
N ALA A 80 -2.36 11.98 -20.32
CA ALA A 80 -2.34 10.98 -21.40
C ALA A 80 -0.93 10.72 -21.94
N SER A 81 -0.10 11.76 -22.00
CA SER A 81 1.26 11.65 -22.52
C SER A 81 2.41 11.76 -21.48
N HIS A 82 2.09 12.11 -20.19
CA HIS A 82 3.04 12.38 -19.11
C HIS A 82 3.92 13.61 -19.39
N ASP A 83 3.51 14.48 -20.33
CA ASP A 83 4.24 15.70 -20.63
C ASP A 83 4.11 16.70 -19.47
N GLN A 84 5.28 17.15 -18.92
CA GLN A 84 5.44 18.04 -17.77
C GLN A 84 4.99 17.32 -16.47
N ASP A 85 5.48 16.08 -16.29
CA ASP A 85 5.15 15.21 -15.19
C ASP A 85 5.89 15.60 -13.89
N ILE A 86 5.59 16.82 -13.40
CA ILE A 86 6.23 17.33 -12.20
C ILE A 86 5.21 17.91 -11.20
N MET A 87 5.40 17.58 -9.89
CA MET A 87 4.59 18.07 -8.79
C MET A 87 5.45 18.51 -7.60
N LEU A 88 5.05 19.58 -6.91
CA LEU A 88 5.72 20.16 -5.76
C LEU A 88 4.84 20.00 -4.53
N LEU A 89 5.37 19.32 -3.48
CA LEU A 89 4.66 19.04 -2.23
C LEU A 89 5.18 19.85 -1.04
N ARG A 90 4.33 20.74 -0.49
CA ARG A 90 4.66 21.56 0.67
C ARG A 90 4.50 20.72 1.91
N LEU A 91 5.59 20.49 2.63
CA LEU A 91 5.52 19.71 3.85
C LEU A 91 4.88 20.52 4.97
N ALA A 92 4.14 19.85 5.89
CA ALA A 92 3.47 20.49 7.02
C ALA A 92 4.49 21.16 7.95
N ARG A 93 5.61 20.46 8.22
CA ARG A 93 6.67 20.99 9.06
C ARG A 93 7.97 20.98 8.29
N PRO A 94 8.86 21.98 8.47
CA PRO A 94 10.17 21.90 7.80
C PRO A 94 10.92 20.72 8.41
N ALA A 95 11.28 19.76 7.53
CA ALA A 95 11.94 18.48 7.83
C ALA A 95 13.18 18.60 8.70
N LYS A 96 13.24 17.78 9.76
CA LYS A 96 14.37 17.74 10.70
C LYS A 96 15.59 17.18 9.96
N LEU A 97 16.52 18.08 9.58
CA LEU A 97 17.72 17.69 8.84
C LEU A 97 18.73 16.95 9.70
N SER A 98 19.16 15.79 9.21
CA SER A 98 20.16 14.93 9.84
C SER A 98 21.09 14.41 8.75
N GLU A 99 21.83 13.34 9.06
CA GLU A 99 22.72 12.69 8.10
C GLU A 99 21.93 11.70 7.24
N LEU A 100 20.67 11.44 7.62
CA LEU A 100 19.76 10.52 6.96
C LEU A 100 18.56 11.21 6.33
N ILE A 101 18.49 12.56 6.46
CA ILE A 101 17.50 13.47 5.87
C ILE A 101 18.24 14.70 5.38
N GLN A 102 18.40 14.79 4.05
CA GLN A 102 19.10 15.91 3.43
C GLN A 102 18.48 16.28 2.09
N PRO A 103 18.41 17.57 1.73
CA PRO A 103 17.90 17.92 0.40
C PRO A 103 18.91 17.56 -0.70
N LEU A 104 18.44 17.30 -1.93
CA LEU A 104 19.36 17.00 -3.03
C LEU A 104 19.35 18.15 -4.04
N PRO A 105 20.56 18.72 -4.39
CA PRO A 105 20.60 19.84 -5.37
C PRO A 105 20.19 19.37 -6.75
N LEU A 106 19.46 20.21 -7.47
CA LEU A 106 18.94 19.88 -8.79
C LEU A 106 19.90 20.32 -9.88
N GLU A 107 20.02 19.52 -10.94
CA GLU A 107 20.84 19.85 -12.10
C GLU A 107 20.08 20.81 -13.01
N ARG A 108 20.48 22.10 -12.93
CA ARG A 108 19.90 23.23 -13.67
C ARG A 108 20.35 23.34 -15.12
N ASP A 109 21.56 22.85 -15.43
CA ASP A 109 22.07 22.92 -16.79
C ASP A 109 21.58 21.76 -17.65
N CYS A 110 20.81 22.09 -18.72
CA CYS A 110 20.29 21.10 -19.66
C CYS A 110 21.38 20.48 -20.54
N SER A 111 22.53 21.17 -20.64
CA SER A 111 23.72 20.77 -21.40
C SER A 111 24.47 19.57 -20.76
N ALA A 112 24.60 19.53 -19.41
CA ALA A 112 25.27 18.51 -18.59
C ALA A 112 25.24 17.08 -19.17
N GLN A 113 26.43 16.42 -19.29
CA GLN A 113 26.49 15.08 -19.88
C GLN A 113 27.21 14.04 -19.00
N THR A 114 26.70 13.85 -17.78
CA THR A 114 27.21 12.82 -16.89
C THR A 114 26.18 11.71 -17.06
N THR A 115 26.39 10.88 -18.10
CA THR A 115 25.54 9.74 -18.47
C THR A 115 25.46 8.70 -17.35
N SER A 116 26.54 8.61 -16.53
CA SER A 116 26.65 7.73 -15.37
C SER A 116 25.68 8.20 -14.26
N CYS A 117 24.52 7.50 -14.14
CA CYS A 117 23.45 7.82 -13.19
C CYS A 117 22.99 6.62 -12.38
N HIS A 118 21.96 6.84 -11.53
CA HIS A 118 21.33 5.81 -10.73
C HIS A 118 19.90 6.15 -10.32
N ILE A 119 19.09 5.11 -10.18
CA ILE A 119 17.72 5.17 -9.72
C ILE A 119 17.58 4.45 -8.37
N LEU A 120 16.58 4.86 -7.61
CA LEU A 120 16.30 4.29 -6.29
C LEU A 120 14.81 4.38 -5.99
N GLY A 121 14.30 3.39 -5.28
CA GLY A 121 12.90 3.35 -4.91
C GLY A 121 12.41 2.06 -4.34
N TRP A 122 11.10 2.01 -4.09
CA TRP A 122 10.36 0.90 -3.48
C TRP A 122 9.33 0.25 -4.41
N GLY A 123 9.47 0.48 -5.71
CA GLY A 123 8.61 -0.10 -6.75
C GLY A 123 8.80 -1.59 -6.90
N LYS A 124 7.79 -2.27 -7.50
CA LYS A 124 7.77 -3.72 -7.75
C LYS A 124 9.08 -4.25 -8.37
N THR A 125 9.65 -5.30 -7.76
CA THR A 125 10.90 -5.94 -8.23
C THR A 125 10.67 -7.09 -9.22
N ALA A 126 11.78 -7.74 -9.66
CA ALA A 126 11.85 -8.88 -10.61
C ALA A 126 10.96 -10.06 -10.21
N ASP A 127 10.77 -10.29 -8.91
CA ASP A 127 9.92 -11.35 -8.36
C ASP A 127 8.43 -10.96 -8.42
N GLY A 128 8.15 -9.69 -8.73
CA GLY A 128 6.81 -9.13 -8.82
C GLY A 128 6.27 -8.58 -7.52
N ASP A 129 7.07 -8.65 -6.44
CA ASP A 129 6.66 -8.17 -5.12
C ASP A 129 7.23 -6.77 -4.82
N PHE A 130 6.58 -6.03 -3.89
CA PHE A 130 7.02 -4.71 -3.45
C PHE A 130 8.09 -4.92 -2.35
N PRO A 131 9.33 -4.39 -2.51
CA PRO A 131 10.35 -4.60 -1.48
C PRO A 131 10.19 -3.71 -0.26
N ASP A 132 10.49 -4.24 0.93
CA ASP A 132 10.42 -3.45 2.17
C ASP A 132 11.66 -2.55 2.22
N THR A 133 12.78 -3.06 1.71
CA THR A 133 14.06 -2.38 1.62
C THR A 133 14.19 -1.72 0.27
N ILE A 134 14.65 -0.45 0.29
CA ILE A 134 14.86 0.38 -0.90
C ILE A 134 15.89 -0.28 -1.87
N GLN A 135 15.53 -0.29 -3.17
CA GLN A 135 16.34 -0.87 -4.25
C GLN A 135 17.07 0.20 -5.02
N CYS A 136 18.30 -0.12 -5.46
CA CYS A 136 19.21 0.73 -6.23
C CYS A 136 19.50 0.07 -7.55
N ALA A 137 19.92 0.89 -8.55
CA ALA A 137 20.34 0.46 -9.88
C ALA A 137 21.17 1.55 -10.53
N TYR A 138 22.37 1.20 -10.99
CA TYR A 138 23.23 2.12 -11.72
C TYR A 138 22.78 1.99 -13.17
N ILE A 139 22.42 3.13 -13.82
CA ILE A 139 21.94 3.16 -15.21
C ILE A 139 22.57 4.31 -16.00
N HIS A 140 22.36 4.34 -17.34
CA HIS A 140 22.94 5.39 -18.19
CA HIS A 140 22.93 5.40 -18.18
C HIS A 140 21.89 6.13 -19.01
N LEU A 141 22.12 7.45 -19.23
CA LEU A 141 21.28 8.37 -20.00
C LEU A 141 21.14 7.96 -21.48
N VAL A 142 20.05 7.23 -21.82
CA VAL A 142 19.72 6.72 -23.17
C VAL A 142 19.38 7.88 -24.14
N SER A 143 19.87 7.80 -25.40
CA SER A 143 19.72 8.78 -26.49
C SER A 143 18.27 9.12 -26.86
N ARG A 144 18.07 10.42 -27.18
CA ARG A 144 16.79 11.01 -27.62
C ARG A 144 16.17 10.16 -28.74
N GLU A 145 17.05 9.78 -29.69
CA GLU A 145 16.82 9.00 -30.90
C GLU A 145 16.35 7.56 -30.65
N GLU A 146 16.99 6.83 -29.68
CA GLU A 146 16.63 5.43 -29.33
C GLU A 146 15.21 5.44 -28.73
N CYS A 147 14.90 6.51 -27.97
CA CYS A 147 13.60 6.76 -27.34
C CYS A 147 12.55 7.07 -28.41
N GLU A 148 12.99 7.73 -29.51
CA GLU A 148 12.13 8.09 -30.64
C GLU A 148 11.72 6.85 -31.47
N HIS A 149 12.46 5.71 -31.33
CA HIS A 149 12.12 4.43 -31.95
C HIS A 149 11.46 3.45 -30.95
N ALA A 150 11.90 3.47 -29.67
CA ALA A 150 11.34 2.64 -28.61
C ALA A 150 9.92 3.11 -28.32
N TYR A 151 9.74 4.45 -28.27
CA TYR A 151 8.47 5.12 -28.05
C TYR A 151 8.20 6.08 -29.23
N PRO A 152 7.42 5.60 -30.24
CA PRO A 152 7.20 6.42 -31.45
C PRO A 152 6.28 7.61 -31.21
N GLY A 153 6.86 8.81 -31.30
CA GLY A 153 6.16 10.08 -31.10
C GLY A 153 5.58 10.26 -29.71
N GLN A 154 6.41 10.03 -28.66
CA GLN A 154 6.03 10.13 -27.25
C GLN A 154 7.11 10.82 -26.40
N ILE A 155 8.12 11.46 -27.02
CA ILE A 155 9.22 12.14 -26.32
C ILE A 155 9.22 13.63 -26.62
N THR A 156 9.43 14.47 -25.58
CA THR A 156 9.49 15.94 -25.67
C THR A 156 10.78 16.46 -25.03
N GLN A 157 11.00 17.79 -25.08
CA GLN A 157 12.14 18.45 -24.44
C GLN A 157 12.07 18.30 -22.89
N ASN A 158 10.89 17.86 -22.37
CA ASN A 158 10.52 17.70 -20.95
C ASN A 158 10.73 16.27 -20.45
N MET A 159 11.26 15.42 -21.30
CA MET A 159 11.49 14.04 -20.97
C MET A 159 12.94 13.66 -21.24
N LEU A 160 13.50 12.82 -20.38
CA LEU A 160 14.84 12.27 -20.48
C LEU A 160 14.70 10.79 -20.45
N CYS A 161 15.58 10.07 -21.16
CA CYS A 161 15.54 8.60 -21.18
C CYS A 161 16.77 8.03 -20.52
N ALA A 162 16.58 6.95 -19.76
CA ALA A 162 17.67 6.31 -19.04
C ALA A 162 17.49 4.81 -18.93
N GLY A 163 18.59 4.10 -19.00
CA GLY A 163 18.59 2.65 -18.88
C GLY A 163 19.95 1.99 -18.95
N ASP A 164 19.95 0.68 -18.80
CA ASP A 164 21.14 -0.15 -18.91
C ASP A 164 20.90 -1.19 -20.01
N GLU A 165 21.82 -1.22 -20.99
CA GLU A 165 21.78 -2.13 -22.12
C GLU A 165 22.03 -3.60 -21.71
N LYS A 166 23.09 -3.85 -20.92
CA LYS A 166 23.53 -5.19 -20.50
C LYS A 166 22.53 -5.94 -19.61
N TYR A 167 22.05 -5.32 -18.54
CA TYR A 167 21.15 -5.99 -17.60
C TYR A 167 19.70 -5.55 -17.70
N GLY A 168 19.47 -4.34 -18.21
CA GLY A 168 18.12 -3.79 -18.36
C GLY A 168 17.51 -3.33 -17.06
N LYS A 169 18.30 -2.62 -16.25
CA LYS A 169 17.87 -2.09 -14.95
C LYS A 169 16.83 -0.96 -15.18
N ASP A 170 15.61 -1.10 -14.58
CA ASP A 170 14.56 -0.11 -14.76
C ASP A 170 13.66 0.14 -13.56
N SER A 171 12.97 1.30 -13.59
CA SER A 171 11.98 1.76 -12.62
C SER A 171 10.67 1.00 -12.89
N CYS A 172 9.75 0.95 -11.92
CA CYS A 172 8.49 0.20 -12.05
C CYS A 172 7.38 0.82 -11.19
N GLN A 173 6.13 0.30 -11.30
CA GLN A 173 5.00 0.82 -10.51
C GLN A 173 5.39 0.89 -9.03
N GLY A 174 5.24 2.07 -8.46
CA GLY A 174 5.59 2.38 -7.07
C GLY A 174 6.79 3.31 -6.96
N ASP A 175 7.64 3.38 -8.01
CA ASP A 175 8.85 4.24 -8.11
C ASP A 175 8.54 5.59 -8.69
N SER A 176 7.29 5.79 -9.18
CA SER A 176 6.86 7.05 -9.78
C SER A 176 7.31 8.24 -8.95
N GLY A 177 7.86 9.25 -9.60
CA GLY A 177 8.34 10.47 -8.95
C GLY A 177 9.68 10.39 -8.24
N GLY A 178 10.31 9.20 -8.25
CA GLY A 178 11.59 8.92 -7.62
C GLY A 178 12.73 9.59 -8.35
N PRO A 179 13.89 9.78 -7.71
CA PRO A 179 14.99 10.51 -8.38
C PRO A 179 15.85 9.75 -9.37
N LEU A 180 16.39 10.49 -10.36
CA LEU A 180 17.42 10.07 -11.30
C LEU A 180 18.55 11.01 -10.91
N VAL A 181 19.56 10.47 -10.22
CA VAL A 181 20.69 11.25 -9.70
C VAL A 181 21.92 11.06 -10.59
N CYS A 182 22.49 12.16 -11.06
CA CYS A 182 23.68 12.17 -11.92
C CYS A 182 24.61 13.22 -11.39
N GLY A 183 25.81 12.78 -11.01
CA GLY A 183 26.85 13.65 -10.46
C GLY A 183 26.44 14.33 -9.16
N ASP A 184 25.78 13.56 -8.26
CA ASP A 184 25.26 13.97 -6.95
C ASP A 184 24.25 15.15 -7.06
N HIS A 185 23.54 15.20 -8.20
CA HIS A 185 22.54 16.20 -8.53
C HIS A 185 21.31 15.53 -9.15
N LEU A 186 20.12 16.10 -8.93
CA LEU A 186 18.87 15.56 -9.47
C LEU A 186 18.74 15.92 -10.96
N ARG A 187 18.70 14.91 -11.84
CA ARG A 187 18.57 15.11 -13.27
C ARG A 187 17.15 14.82 -13.73
N GLY A 188 16.48 13.87 -13.09
CA GLY A 188 15.13 13.50 -13.46
C GLY A 188 14.26 12.83 -12.42
N LEU A 189 12.99 12.57 -12.81
CA LEU A 189 11.99 11.90 -11.98
C LEU A 189 11.34 10.81 -12.77
N VAL A 190 11.25 9.61 -12.18
CA VAL A 190 10.55 8.45 -12.75
C VAL A 190 9.17 8.93 -13.16
N SER A 191 8.86 8.80 -14.45
CA SER A 191 7.59 9.23 -15.01
C SER A 191 6.81 8.02 -15.52
N TRP A 192 7.39 7.31 -16.53
CA TRP A 192 6.79 6.15 -17.21
C TRP A 192 7.89 5.33 -17.97
N GLY A 193 7.45 4.35 -18.76
CA GLY A 193 8.33 3.52 -19.56
C GLY A 193 7.64 2.31 -20.15
N ASN A 194 8.37 1.18 -20.21
CA ASN A 194 7.92 -0.09 -20.81
C ASN A 194 7.28 -1.06 -19.82
N TYR A 195 6.46 -1.98 -20.37
CA TYR A 195 5.82 -3.07 -19.63
C TYR A 195 6.07 -4.42 -20.34
N PRO A 196 6.66 -5.44 -19.67
CA PRO A 196 7.16 -5.41 -18.29
C PRO A 196 8.43 -4.55 -18.19
N CYS A 197 8.69 -3.98 -16.99
CA CYS A 197 9.83 -3.10 -16.70
C CYS A 197 11.18 -3.77 -17.08
N GLY A 198 12.00 -3.03 -17.81
CA GLY A 198 13.30 -3.47 -18.31
C GLY A 198 13.77 -2.54 -19.42
N SER A 199 14.95 -1.95 -19.25
CA SER A 199 15.52 -0.98 -20.20
C SER A 199 16.48 -1.58 -21.24
N LYS A 200 16.31 -2.90 -21.56
CA LYS A 200 17.14 -3.60 -22.56
C LYS A 200 16.98 -2.91 -23.94
N GLU A 201 15.74 -2.94 -24.46
CA GLU A 201 15.37 -2.32 -25.74
C GLU A 201 14.85 -0.92 -25.46
N LYS A 202 13.67 -0.85 -24.80
CA LYS A 202 12.94 0.38 -24.47
C LYS A 202 13.33 0.92 -23.09
N PRO A 203 14.02 2.09 -23.07
CA PRO A 203 14.46 2.66 -21.79
C PRO A 203 13.34 3.25 -20.91
N GLY A 204 13.71 3.67 -19.71
CA GLY A 204 12.78 4.29 -18.78
C GLY A 204 12.71 5.75 -19.10
N VAL A 205 11.50 6.34 -19.08
CA VAL A 205 11.31 7.76 -19.37
C VAL A 205 11.10 8.55 -18.04
N TYR A 206 11.85 9.65 -17.91
CA TYR A 206 11.98 10.52 -16.75
C TYR A 206 11.64 11.98 -17.07
N THR A 207 11.24 12.75 -16.05
CA THR A 207 10.93 14.17 -16.18
C THR A 207 12.26 14.92 -16.22
N ASN A 208 12.40 15.87 -17.14
CA ASN A 208 13.61 16.67 -17.33
C ASN A 208 13.66 17.87 -16.37
N VAL A 209 14.20 17.62 -15.16
CA VAL A 209 14.33 18.53 -14.02
C VAL A 209 14.92 19.92 -14.39
N CYS A 210 15.97 19.98 -15.28
CA CYS A 210 16.59 21.25 -15.73
C CYS A 210 15.60 22.24 -16.36
N ARG A 211 14.52 21.71 -17.00
CA ARG A 211 13.47 22.49 -17.68
C ARG A 211 12.55 23.18 -16.71
N TYR A 212 12.69 22.89 -15.40
CA TYR A 212 11.76 23.41 -14.41
C TYR A 212 12.38 24.26 -13.29
N THR A 213 13.58 24.80 -13.49
CA THR A 213 14.29 25.65 -12.50
C THR A 213 13.42 26.84 -12.01
N ASN A 214 12.92 27.66 -12.95
CA ASN A 214 12.11 28.85 -12.69
C ASN A 214 10.76 28.54 -12.14
N TRP A 215 10.15 27.41 -12.57
CA TRP A 215 8.87 26.98 -12.07
C TRP A 215 8.98 26.58 -10.60
N ILE A 216 9.93 25.71 -10.25
CA ILE A 216 10.20 25.27 -8.87
C ILE A 216 10.45 26.46 -7.93
N GLN A 217 11.34 27.41 -8.32
CA GLN A 217 11.70 28.59 -7.52
C GLN A 217 10.56 29.57 -7.30
N LYS A 218 9.78 29.83 -8.35
CA LYS A 218 8.61 30.70 -8.32
C LYS A 218 7.47 30.07 -7.44
N THR A 219 7.46 28.71 -7.26
CA THR A 219 6.51 27.97 -6.40
C THR A 219 7.04 27.93 -4.95
N ILE A 220 8.36 27.82 -4.77
CA ILE A 220 8.93 27.83 -3.43
C ILE A 220 8.84 29.25 -2.82
N GLN A 221 9.08 30.30 -3.65
CA GLN A 221 9.06 31.72 -3.26
C GLN A 221 7.66 32.34 -3.18
N ALA A 222 6.60 31.60 -3.56
CA ALA A 222 5.21 32.10 -3.50
C ALA A 222 4.65 32.03 -2.09
N LEU B 1 -1.73 -7.79 13.52
CA LEU B 1 -2.54 -7.08 14.52
C LEU B 1 -1.62 -6.38 15.53
N VAL B 2 -1.60 -5.04 15.54
CA VAL B 2 -0.73 -4.25 16.43
C VAL B 2 -1.33 -3.95 17.81
N HIS B 3 -0.47 -4.02 18.83
CA HIS B 3 -0.69 -3.70 20.24
C HIS B 3 -1.81 -4.56 20.93
N GLY B 4 -2.00 -5.77 20.44
CA GLY B 4 -2.93 -6.70 21.03
C GLY B 4 -2.16 -7.72 21.85
N GLY B 5 -2.67 -8.94 21.86
CA GLY B 5 -2.10 -10.10 22.55
C GLY B 5 -2.79 -11.35 22.06
N PRO B 6 -2.30 -12.57 22.39
CA PRO B 6 -2.95 -13.79 21.87
C PRO B 6 -4.43 -13.94 22.24
N CYS B 7 -5.23 -14.50 21.33
CA CYS B 7 -6.67 -14.75 21.54
C CYS B 7 -6.83 -15.92 22.45
N ASP B 8 -8.03 -16.01 23.03
CA ASP B 8 -8.42 -17.18 23.83
CA ASP B 8 -8.43 -17.16 23.81
C ASP B 8 -8.63 -18.27 22.76
N LYS B 9 -8.14 -19.50 23.02
CA LYS B 9 -8.23 -20.64 22.10
C LYS B 9 -9.63 -21.01 21.61
N THR B 10 -10.66 -20.76 22.41
CA THR B 10 -12.03 -21.17 22.05
C THR B 10 -12.96 -20.01 21.65
N SER B 11 -12.41 -18.77 21.47
CA SER B 11 -13.16 -17.53 21.24
C SER B 11 -13.35 -17.06 19.78
N HIS B 12 -12.75 -17.73 18.79
CA HIS B 12 -12.84 -17.32 17.40
C HIS B 12 -13.14 -18.48 16.42
N PRO B 13 -14.16 -19.35 16.66
CA PRO B 13 -14.36 -20.51 15.74
C PRO B 13 -14.72 -20.17 14.29
N TYR B 14 -15.08 -18.94 14.03
CA TYR B 14 -15.45 -18.40 12.72
C TYR B 14 -14.24 -17.81 11.96
N GLN B 15 -13.05 -17.77 12.60
CA GLN B 15 -11.85 -17.23 11.97
C GLN B 15 -11.24 -18.20 10.90
N ALA B 16 -10.90 -17.65 9.74
CA ALA B 16 -10.30 -18.42 8.67
C ALA B 16 -8.92 -17.83 8.33
N ALA B 17 -7.98 -18.69 7.91
CA ALA B 17 -6.63 -18.32 7.47
C ALA B 17 -6.60 -18.60 5.98
N LEU B 18 -6.20 -17.59 5.19
CA LEU B 18 -6.11 -17.70 3.74
C LEU B 18 -4.65 -17.74 3.32
N TYR B 19 -4.34 -18.75 2.52
CA TYR B 19 -3.04 -19.09 1.99
C TYR B 19 -3.06 -19.18 0.47
N THR B 20 -1.91 -18.83 -0.13
CA THR B 20 -1.62 -18.88 -1.56
C THR B 20 -0.15 -19.26 -1.69
N SER B 21 0.11 -20.34 -2.46
CA SER B 21 1.46 -20.91 -2.68
C SER B 21 2.20 -21.29 -1.37
N GLY B 22 1.43 -21.57 -0.31
CA GLY B 22 1.96 -21.95 0.99
C GLY B 22 2.38 -20.79 1.88
N HIS B 23 2.02 -19.55 1.51
CA HIS B 23 2.34 -18.39 2.34
C HIS B 23 1.03 -17.76 2.83
N LEU B 24 0.98 -17.30 4.09
CA LEU B 24 -0.18 -16.64 4.65
C LEU B 24 -0.45 -15.32 3.93
N LEU B 25 -1.72 -15.14 3.53
CA LEU B 25 -2.16 -13.98 2.77
C LEU B 25 -3.12 -13.05 3.53
N CYS B 26 -4.25 -13.59 3.98
CA CYS B 26 -5.33 -12.84 4.58
C CYS B 26 -5.93 -13.56 5.74
N GLY B 27 -6.95 -12.91 6.32
CA GLY B 27 -7.83 -13.43 7.34
C GLY B 27 -9.17 -13.63 6.65
N GLY B 28 -10.16 -14.14 7.36
CA GLY B 28 -11.45 -14.35 6.73
C GLY B 28 -12.46 -14.81 7.74
N VAL B 29 -13.72 -14.83 7.36
CA VAL B 29 -14.80 -15.18 8.28
C VAL B 29 -15.69 -16.21 7.66
N LEU B 30 -15.94 -17.30 8.38
CA LEU B 30 -16.89 -18.35 7.97
C LEU B 30 -18.27 -17.83 8.29
N ILE B 31 -19.14 -17.77 7.30
CA ILE B 31 -20.50 -17.25 7.50
C ILE B 31 -21.55 -18.32 7.20
N HIS B 32 -21.15 -19.36 6.48
CA HIS B 32 -22.00 -20.46 6.09
C HIS B 32 -21.08 -21.66 5.94
N PRO B 33 -21.47 -22.95 6.21
CA PRO B 33 -20.51 -24.06 6.04
C PRO B 33 -19.82 -24.14 4.66
N LEU B 34 -20.37 -23.53 3.61
CA LEU B 34 -19.66 -23.56 2.33
C LEU B 34 -18.98 -22.22 2.01
N TRP B 35 -19.26 -21.18 2.79
CA TRP B 35 -18.82 -19.83 2.41
C TRP B 35 -18.02 -19.04 3.44
N VAL B 36 -16.89 -18.49 2.99
CA VAL B 36 -16.00 -17.66 3.78
C VAL B 36 -16.03 -16.27 3.16
N LEU B 37 -16.28 -15.26 4.01
CA LEU B 37 -16.29 -13.86 3.62
C LEU B 37 -14.89 -13.29 3.86
N THR B 38 -14.36 -12.54 2.87
CA THR B 38 -13.03 -11.89 2.96
C THR B 38 -13.01 -10.52 2.21
N ALA B 39 -11.80 -9.90 2.17
CA ALA B 39 -11.52 -8.66 1.47
C ALA B 39 -11.40 -8.97 -0.01
N ALA B 40 -11.92 -8.09 -0.88
CA ALA B 40 -11.80 -8.21 -2.34
C ALA B 40 -10.33 -8.07 -2.82
N HIS B 41 -9.44 -7.37 -2.04
CA HIS B 41 -8.01 -7.33 -2.42
C HIS B 41 -7.27 -8.63 -2.10
N CYS B 42 -7.99 -9.65 -1.59
CA CYS B 42 -7.42 -10.95 -1.27
C CYS B 42 -7.49 -11.93 -2.43
N LYS B 43 -8.10 -11.50 -3.54
CA LYS B 43 -8.22 -12.31 -4.77
C LYS B 43 -6.85 -12.68 -5.35
N LYS B 44 -6.51 -13.95 -5.19
CA LYS B 44 -5.28 -14.56 -5.67
C LYS B 44 -5.67 -15.90 -6.28
N PRO B 45 -4.85 -16.50 -7.17
CA PRO B 45 -5.24 -17.82 -7.70
C PRO B 45 -4.83 -18.91 -6.72
N ASN B 46 -5.47 -20.10 -6.80
CA ASN B 46 -5.18 -21.26 -5.93
C ASN B 46 -5.32 -20.93 -4.42
N LEU B 47 -6.48 -20.37 -4.01
CA LEU B 47 -6.70 -20.04 -2.60
C LEU B 47 -7.04 -21.26 -1.76
N GLN B 48 -6.32 -21.37 -0.63
CA GLN B 48 -6.47 -22.42 0.36
C GLN B 48 -6.97 -21.79 1.68
N VAL B 49 -8.09 -22.29 2.20
CA VAL B 49 -8.63 -21.82 3.46
C VAL B 49 -8.35 -22.84 4.58
N PHE B 50 -7.99 -22.32 5.77
CA PHE B 50 -7.76 -23.13 6.96
C PHE B 50 -8.73 -22.67 8.02
N LEU B 51 -9.65 -23.55 8.37
CA LEU B 51 -10.62 -23.30 9.42
C LEU B 51 -10.23 -24.07 10.66
N GLY B 52 -10.67 -23.59 11.82
CA GLY B 52 -10.40 -24.21 13.10
C GLY B 52 -8.96 -24.10 13.56
N LYS B 53 -8.30 -22.99 13.19
CA LYS B 53 -6.90 -22.74 13.51
C LYS B 53 -6.69 -21.73 14.60
N HIS B 54 -5.76 -22.06 15.48
CA HIS B 54 -5.33 -21.13 16.51
C HIS B 54 -3.88 -20.71 16.26
N ASN B 55 -2.93 -21.67 16.30
CA ASN B 55 -1.51 -21.42 16.09
C ASN B 55 -1.09 -22.09 14.77
N LEU B 56 -0.55 -21.28 13.81
CA LEU B 56 -0.13 -21.73 12.46
C LEU B 56 1.17 -22.55 12.37
N GLY B 57 1.88 -22.64 13.49
CA GLY B 57 3.14 -23.38 13.62
C GLY B 57 2.94 -24.74 14.25
N GLN B 58 1.68 -25.21 14.23
CA GLN B 58 1.29 -26.51 14.72
C GLN B 58 0.12 -27.11 13.94
N GLN B 59 0.01 -28.47 13.98
CA GLN B 59 -1.11 -29.22 13.44
C GLN B 59 -2.12 -29.45 14.54
N GLU B 60 -3.32 -28.89 14.36
CA GLU B 60 -4.41 -28.92 15.34
C GLU B 60 -5.52 -29.95 14.98
N SER B 61 -6.03 -30.66 15.96
CA SER B 61 -7.04 -31.72 15.76
C SER B 61 -8.38 -31.22 15.24
N SER B 62 -8.60 -29.90 15.36
CA SER B 62 -9.79 -29.13 14.97
C SER B 62 -9.72 -28.60 13.55
N GLN B 63 -8.49 -28.43 13.02
CA GLN B 63 -8.30 -27.85 11.69
C GLN B 63 -8.88 -28.64 10.56
N GLU B 64 -9.32 -27.89 9.55
CA GLU B 64 -9.87 -28.34 8.26
C GLU B 64 -9.29 -27.48 7.16
N GLN B 65 -8.76 -28.12 6.15
CA GLN B 65 -8.21 -27.43 5.02
C GLN B 65 -9.09 -27.67 3.81
N SER B 66 -9.36 -26.59 3.05
CA SER B 66 -10.13 -26.70 1.83
C SER B 66 -9.59 -25.76 0.76
N SER B 67 -9.79 -26.18 -0.51
CA SER B 67 -9.50 -25.36 -1.68
C SER B 67 -10.73 -24.45 -1.87
N VAL B 68 -10.57 -23.38 -2.61
CA VAL B 68 -11.63 -22.45 -2.94
C VAL B 68 -12.04 -22.72 -4.39
N VAL B 69 -13.28 -23.22 -4.57
CA VAL B 69 -13.80 -23.63 -5.90
C VAL B 69 -14.52 -22.50 -6.66
N ARG B 70 -14.78 -21.37 -5.98
CA ARG B 70 -15.41 -20.17 -6.54
C ARG B 70 -15.00 -19.01 -5.68
N ALA B 71 -14.56 -17.94 -6.30
CA ALA B 71 -14.17 -16.71 -5.63
C ALA B 71 -15.00 -15.63 -6.30
N VAL B 72 -16.03 -15.15 -5.59
CA VAL B 72 -16.97 -14.13 -6.06
C VAL B 72 -16.57 -12.82 -5.42
N ILE B 73 -15.84 -12.03 -6.18
CA ILE B 73 -15.39 -10.71 -5.77
C ILE B 73 -16.53 -9.75 -6.00
N HIS B 74 -16.72 -8.75 -5.10
CA HIS B 74 -17.79 -7.79 -5.34
C HIS B 74 -17.54 -7.07 -6.68
N PRO B 75 -18.59 -7.07 -7.55
CA PRO B 75 -18.47 -6.44 -8.88
C PRO B 75 -18.07 -4.95 -8.92
N ASP B 76 -18.37 -4.22 -7.86
CA ASP B 76 -18.05 -2.80 -7.86
C ASP B 76 -16.78 -2.49 -7.04
N TYR B 77 -15.86 -3.48 -6.88
CA TYR B 77 -14.60 -3.27 -6.14
C TYR B 77 -13.71 -2.26 -6.78
N ASP B 78 -13.45 -1.20 -6.06
CA ASP B 78 -12.53 -0.18 -6.49
C ASP B 78 -11.24 -0.46 -5.78
N ALA B 79 -10.27 -1.03 -6.50
CA ALA B 79 -8.96 -1.42 -6.01
C ALA B 79 -8.08 -0.22 -5.65
N ALA B 80 -8.47 0.99 -6.09
CA ALA B 80 -7.71 2.21 -5.80
C ALA B 80 -8.11 2.79 -4.44
N SER B 81 -9.44 2.92 -4.21
CA SER B 81 -10.03 3.48 -2.99
C SER B 81 -10.48 2.44 -1.96
N HIS B 82 -10.29 1.15 -2.26
CA HIS B 82 -10.71 0.00 -1.45
C HIS B 82 -12.24 -0.03 -1.23
N ASP B 83 -13.00 0.65 -2.11
CA ASP B 83 -14.46 0.69 -2.04
C ASP B 83 -15.09 -0.63 -2.43
N GLN B 84 -16.08 -1.08 -1.64
CA GLN B 84 -16.80 -2.34 -1.80
C GLN B 84 -15.83 -3.56 -1.72
N ASP B 85 -14.90 -3.54 -0.72
CA ASP B 85 -13.83 -4.51 -0.44
C ASP B 85 -14.41 -5.75 0.24
N ILE B 86 -15.17 -6.53 -0.52
CA ILE B 86 -15.86 -7.73 -0.04
C ILE B 86 -15.75 -8.86 -1.08
N MET B 87 -15.47 -10.07 -0.62
CA MET B 87 -15.34 -11.24 -1.49
C MET B 87 -15.84 -12.50 -0.82
N LEU B 88 -16.69 -13.25 -1.55
CA LEU B 88 -17.26 -14.52 -1.14
C LEU B 88 -16.45 -15.68 -1.71
N LEU B 89 -15.96 -16.53 -0.81
CA LEU B 89 -15.21 -17.71 -1.23
C LEU B 89 -16.04 -18.98 -0.98
N ARG B 90 -16.26 -19.80 -2.03
CA ARG B 90 -16.94 -21.06 -1.83
C ARG B 90 -15.90 -22.13 -1.64
N LEU B 91 -16.03 -22.86 -0.53
CA LEU B 91 -15.11 -23.94 -0.18
C LEU B 91 -15.42 -25.16 -1.06
N ALA B 92 -14.39 -26.02 -1.27
CA ALA B 92 -14.45 -27.27 -2.04
C ALA B 92 -15.54 -28.20 -1.52
N ARG B 93 -15.71 -28.21 -0.19
CA ARG B 93 -16.64 -29.05 0.58
C ARG B 93 -17.13 -28.29 1.82
N PRO B 94 -18.26 -28.69 2.46
CA PRO B 94 -18.74 -27.93 3.63
C PRO B 94 -17.86 -28.08 4.86
N ALA B 95 -17.74 -27.00 5.65
CA ALA B 95 -17.01 -27.00 6.91
C ALA B 95 -17.80 -27.90 7.89
N LYS B 96 -17.11 -28.79 8.61
CA LYS B 96 -17.73 -29.67 9.60
CA LYS B 96 -17.72 -29.66 9.60
C LYS B 96 -17.74 -28.87 10.90
N LEU B 97 -18.95 -28.48 11.35
CA LEU B 97 -19.13 -27.68 12.57
C LEU B 97 -18.82 -28.45 13.82
N SER B 98 -18.10 -27.79 14.72
CA SER B 98 -17.70 -28.35 16.00
C SER B 98 -17.63 -27.20 17.00
N GLU B 99 -16.92 -27.41 18.09
CA GLU B 99 -16.70 -26.45 19.15
C GLU B 99 -15.75 -25.35 18.65
N LEU B 100 -14.82 -25.71 17.73
CA LEU B 100 -13.80 -24.77 17.24
C LEU B 100 -13.97 -24.29 15.80
N ILE B 101 -15.10 -24.65 15.12
CA ILE B 101 -15.47 -24.23 13.76
C ILE B 101 -16.94 -23.94 13.77
N GLN B 102 -17.30 -22.66 13.63
CA GLN B 102 -18.68 -22.20 13.70
C GLN B 102 -18.87 -20.96 12.84
N PRO B 103 -19.98 -20.81 12.12
CA PRO B 103 -20.17 -19.59 11.32
C PRO B 103 -20.62 -18.40 12.19
N LEU B 104 -20.19 -17.16 11.85
CA LEU B 104 -20.53 -15.94 12.58
C LEU B 104 -21.72 -15.20 11.94
N PRO B 105 -22.87 -15.00 12.67
CA PRO B 105 -23.98 -14.24 12.06
C PRO B 105 -23.61 -12.83 11.57
N LEU B 106 -24.22 -12.36 10.45
CA LEU B 106 -23.94 -11.03 9.89
C LEU B 106 -24.83 -9.95 10.49
N GLU B 107 -24.26 -8.74 10.70
CA GLU B 107 -25.07 -7.63 11.22
C GLU B 107 -25.99 -7.10 10.11
N ARG B 108 -27.32 -7.31 10.24
CA ARG B 108 -28.33 -6.90 9.24
C ARG B 108 -28.69 -5.40 9.37
N ASP B 109 -28.66 -4.88 10.61
CA ASP B 109 -28.99 -3.50 10.92
C ASP B 109 -27.75 -2.57 10.84
N CYS B 110 -27.76 -1.64 9.86
CA CYS B 110 -26.70 -0.63 9.68
C CYS B 110 -26.66 0.44 10.82
N SER B 111 -27.71 0.47 11.67
CA SER B 111 -27.83 1.40 12.80
C SER B 111 -27.48 0.74 14.15
N ALA B 112 -26.85 -0.46 14.13
CA ALA B 112 -26.44 -1.21 15.32
C ALA B 112 -25.72 -0.31 16.31
N GLN B 113 -26.30 -0.21 17.53
CA GLN B 113 -25.84 0.68 18.60
C GLN B 113 -24.54 0.25 19.28
N THR B 114 -24.23 -1.07 19.30
CA THR B 114 -23.01 -1.66 19.89
C THR B 114 -21.75 -1.02 19.28
N THR B 115 -20.91 -0.44 20.14
CA THR B 115 -19.69 0.25 19.70
C THR B 115 -18.42 -0.49 20.12
N SER B 116 -18.48 -1.32 21.19
CA SER B 116 -17.35 -2.13 21.64
C SER B 116 -17.32 -3.43 20.83
N CYS B 117 -16.27 -3.55 20.00
CA CYS B 117 -15.99 -4.63 19.04
C CYS B 117 -14.64 -5.26 19.36
N HIS B 118 -14.28 -6.33 18.63
CA HIS B 118 -12.95 -6.93 18.70
C HIS B 118 -12.49 -7.37 17.30
N ILE B 119 -11.16 -7.30 17.09
CA ILE B 119 -10.51 -7.65 15.84
C ILE B 119 -9.51 -8.76 16.06
N LEU B 120 -9.28 -9.57 15.02
CA LEU B 120 -8.37 -10.72 15.13
C LEU B 120 -7.63 -11.03 13.83
N GLY B 121 -6.57 -11.78 13.98
CA GLY B 121 -5.75 -12.22 12.86
C GLY B 121 -4.30 -12.52 13.20
N TRP B 122 -3.62 -13.09 12.19
CA TRP B 122 -2.21 -13.46 12.21
C TRP B 122 -1.32 -12.43 11.46
N GLY B 123 -1.82 -11.20 11.31
CA GLY B 123 -1.09 -10.13 10.65
C GLY B 123 0.15 -9.63 11.38
N LYS B 124 0.74 -8.53 10.88
CA LYS B 124 1.98 -7.97 11.43
C LYS B 124 1.76 -7.33 12.80
N THR B 125 2.47 -7.83 13.84
CA THR B 125 2.43 -7.32 15.20
C THR B 125 3.32 -6.09 15.29
N ALA B 126 3.18 -5.33 16.40
CA ALA B 126 3.89 -4.08 16.68
C ALA B 126 5.41 -4.11 16.40
N ASP B 127 6.10 -5.25 16.68
CA ASP B 127 7.56 -5.44 16.50
C ASP B 127 8.02 -5.59 15.04
N GLY B 128 7.09 -5.87 14.14
CA GLY B 128 7.38 -6.05 12.71
C GLY B 128 7.26 -7.48 12.21
N ASP B 129 7.06 -8.45 13.16
CA ASP B 129 6.94 -9.86 12.84
C ASP B 129 5.51 -10.37 12.67
N PHE B 130 5.38 -11.54 12.01
CA PHE B 130 4.13 -12.26 11.79
C PHE B 130 4.01 -13.37 12.83
N PRO B 131 3.02 -13.27 13.75
CA PRO B 131 2.89 -14.29 14.82
C PRO B 131 2.30 -15.62 14.37
N ASP B 132 2.65 -16.65 15.12
CA ASP B 132 2.17 -18.02 14.90
C ASP B 132 0.76 -18.15 15.43
N THR B 133 0.54 -17.61 16.65
CA THR B 133 -0.69 -17.62 17.40
C THR B 133 -1.53 -16.37 17.01
N ILE B 134 -2.81 -16.58 16.73
CA ILE B 134 -3.77 -15.53 16.37
C ILE B 134 -3.80 -14.45 17.48
N GLN B 135 -3.89 -13.18 17.08
CA GLN B 135 -3.88 -12.04 17.98
C GLN B 135 -5.23 -11.41 18.05
N CYS B 136 -5.60 -10.93 19.26
CA CYS B 136 -6.86 -10.27 19.58
C CYS B 136 -6.65 -8.91 20.23
N ALA B 137 -7.62 -8.01 19.98
CA ALA B 137 -7.68 -6.66 20.54
C ALA B 137 -9.11 -6.18 20.50
N TYR B 138 -9.55 -5.50 21.59
CA TYR B 138 -10.86 -4.87 21.68
C TYR B 138 -10.72 -3.48 21.12
N ILE B 139 -11.62 -3.09 20.23
CA ILE B 139 -11.62 -1.75 19.64
C ILE B 139 -13.05 -1.19 19.68
N HIS B 140 -13.18 0.12 19.55
CA HIS B 140 -14.48 0.74 19.56
C HIS B 140 -14.77 1.39 18.23
N LEU B 141 -16.02 1.21 17.76
CA LEU B 141 -16.58 1.82 16.57
C LEU B 141 -16.51 3.33 16.78
N VAL B 142 -16.13 4.04 15.71
CA VAL B 142 -15.97 5.48 15.63
C VAL B 142 -17.15 5.98 14.76
N SER B 143 -17.59 7.23 14.97
CA SER B 143 -18.71 7.76 14.19
C SER B 143 -18.26 8.11 12.78
N ARG B 144 -19.23 8.14 11.86
CA ARG B 144 -18.99 8.49 10.46
C ARG B 144 -18.47 9.91 10.34
N GLU B 145 -18.90 10.85 11.21
CA GLU B 145 -18.34 12.21 11.21
C GLU B 145 -16.82 12.23 11.54
N GLU B 146 -16.39 11.47 12.57
CA GLU B 146 -14.98 11.37 12.97
C GLU B 146 -14.15 10.57 11.94
N CYS B 147 -14.78 9.53 11.35
CA CYS B 147 -14.17 8.64 10.33
C CYS B 147 -13.83 9.49 9.10
N GLU B 148 -14.82 10.30 8.64
CA GLU B 148 -14.73 11.23 7.51
C GLU B 148 -13.73 12.37 7.72
N HIS B 149 -13.38 12.68 8.98
CA HIS B 149 -12.44 13.74 9.34
C HIS B 149 -10.98 13.30 9.22
N ALA B 150 -10.67 12.08 9.66
CA ALA B 150 -9.32 11.53 9.61
C ALA B 150 -8.92 11.06 8.20
N TYR B 151 -9.89 10.91 7.28
CA TYR B 151 -9.64 10.49 5.89
C TYR B 151 -10.56 11.32 4.98
N PRO B 152 -10.33 12.68 4.90
CA PRO B 152 -11.22 13.53 4.10
C PRO B 152 -11.47 13.07 2.66
N GLY B 153 -12.75 12.90 2.34
CA GLY B 153 -13.26 12.46 1.03
C GLY B 153 -12.93 11.04 0.62
N GLN B 154 -12.42 10.18 1.54
CA GLN B 154 -12.02 8.79 1.29
C GLN B 154 -13.05 7.72 1.79
N ILE B 155 -13.93 8.10 2.73
CA ILE B 155 -14.95 7.23 3.33
C ILE B 155 -16.31 7.33 2.64
N THR B 156 -16.75 6.21 2.09
CA THR B 156 -18.03 6.07 1.39
C THR B 156 -19.04 5.52 2.41
N GLN B 157 -20.23 5.14 1.97
CA GLN B 157 -21.27 4.54 2.81
C GLN B 157 -21.07 3.00 2.95
N ASN B 158 -19.98 2.48 2.37
CA ASN B 158 -19.58 1.08 2.32
C ASN B 158 -18.42 0.81 3.26
N MET B 159 -18.04 1.83 4.03
CA MET B 159 -16.91 1.76 4.93
C MET B 159 -17.33 2.11 6.35
N LEU B 160 -16.60 1.57 7.32
CA LEU B 160 -16.87 1.74 8.74
C LEU B 160 -15.56 1.94 9.48
N CYS B 161 -15.50 2.85 10.49
CA CYS B 161 -14.24 3.11 11.22
C CYS B 161 -14.26 2.60 12.64
N ALA B 162 -13.11 2.04 13.07
CA ALA B 162 -12.93 1.53 14.42
C ALA B 162 -11.46 1.64 14.85
N GLY B 163 -11.27 1.88 16.14
CA GLY B 163 -9.94 2.04 16.72
C GLY B 163 -9.88 2.18 18.20
N ASP B 164 -8.66 2.32 18.71
CA ASP B 164 -8.35 2.46 20.13
C ASP B 164 -7.44 3.65 20.33
N GLU B 165 -7.98 4.70 20.98
CA GLU B 165 -7.25 5.93 21.29
C GLU B 165 -6.12 5.71 22.30
N LYS B 166 -6.34 4.76 23.27
CA LYS B 166 -5.39 4.44 24.35
C LYS B 166 -4.05 3.86 23.88
N TYR B 167 -4.07 2.65 23.25
CA TYR B 167 -2.84 1.95 22.82
C TYR B 167 -2.68 1.80 21.29
N GLY B 168 -3.56 2.42 20.52
CA GLY B 168 -3.54 2.32 19.06
C GLY B 168 -3.74 0.92 18.52
N LYS B 169 -4.55 0.08 19.23
CA LYS B 169 -4.86 -1.29 18.79
C LYS B 169 -5.52 -1.18 17.42
N ASP B 170 -4.87 -1.76 16.40
CA ASP B 170 -5.29 -1.66 15.00
C ASP B 170 -4.93 -2.92 14.21
N SER B 171 -5.61 -3.09 13.07
CA SER B 171 -5.32 -4.16 12.13
C SER B 171 -4.05 -3.77 11.32
N CYS B 172 -3.50 -4.69 10.52
CA CYS B 172 -2.27 -4.41 9.77
C CYS B 172 -2.17 -5.34 8.56
N GLN B 173 -0.96 -5.48 8.00
CA GLN B 173 -0.61 -6.34 6.88
C GLN B 173 -0.75 -7.81 7.31
N GLY B 174 -1.49 -8.59 6.52
CA GLY B 174 -1.77 -10.00 6.81
C GLY B 174 -3.12 -10.23 7.48
N ASP B 175 -3.75 -9.14 7.94
CA ASP B 175 -5.03 -9.15 8.63
C ASP B 175 -6.24 -8.97 7.71
N SER B 176 -6.03 -8.47 6.43
CA SER B 176 -7.06 -8.17 5.42
C SER B 176 -8.14 -9.24 5.36
N GLY B 177 -9.38 -8.82 5.29
CA GLY B 177 -10.52 -9.73 5.20
C GLY B 177 -10.96 -10.36 6.50
N GLY B 178 -10.16 -10.14 7.56
CA GLY B 178 -10.44 -10.62 8.91
C GLY B 178 -11.65 -9.90 9.48
N PRO B 179 -12.30 -10.42 10.53
CA PRO B 179 -13.54 -9.78 11.01
C PRO B 179 -13.43 -8.71 12.10
N LEU B 180 -14.38 -7.75 12.09
CA LEU B 180 -14.65 -6.73 13.12
C LEU B 180 -15.97 -7.28 13.67
N VAL B 181 -15.93 -7.85 14.89
CA VAL B 181 -17.05 -8.51 15.55
C VAL B 181 -17.62 -7.60 16.67
N CYS B 182 -18.90 -7.19 16.52
CA CYS B 182 -19.60 -6.37 17.52
C CYS B 182 -20.90 -7.11 17.87
N GLY B 183 -21.10 -7.39 19.15
CA GLY B 183 -22.27 -8.07 19.68
C GLY B 183 -22.49 -9.49 19.20
N ASP B 184 -21.39 -10.26 19.03
CA ASP B 184 -21.34 -11.66 18.55
C ASP B 184 -21.81 -11.77 17.08
N HIS B 185 -21.78 -10.63 16.36
CA HIS B 185 -22.16 -10.51 14.96
C HIS B 185 -21.05 -9.85 14.17
N LEU B 186 -20.96 -10.20 12.88
CA LEU B 186 -19.97 -9.65 11.96
C LEU B 186 -20.41 -8.27 11.55
N ARG B 187 -19.59 -7.26 11.89
CA ARG B 187 -19.89 -5.87 11.56
C ARG B 187 -19.01 -5.34 10.41
N GLY B 188 -17.88 -5.97 10.19
CA GLY B 188 -16.97 -5.54 9.13
C GLY B 188 -15.80 -6.45 8.82
N LEU B 189 -15.10 -6.16 7.71
CA LEU B 189 -13.89 -6.90 7.31
C LEU B 189 -12.72 -5.92 7.22
N VAL B 190 -11.51 -6.34 7.63
CA VAL B 190 -10.29 -5.51 7.54
C VAL B 190 -10.11 -5.13 6.05
N SER B 191 -10.03 -3.82 5.76
CA SER B 191 -9.88 -3.29 4.39
C SER B 191 -8.60 -2.48 4.19
N TRP B 192 -8.36 -1.47 5.04
CA TRP B 192 -7.23 -0.54 5.01
C TRP B 192 -7.22 0.30 6.25
N GLY B 193 -6.29 1.24 6.30
CA GLY B 193 -6.14 2.17 7.40
C GLY B 193 -4.88 2.97 7.26
N ASN B 194 -4.34 3.38 8.39
CA ASN B 194 -3.14 4.19 8.48
C ASN B 194 -1.85 3.43 8.31
N TYR B 195 -0.84 4.19 7.91
CA TYR B 195 0.53 3.72 7.84
C TYR B 195 1.38 4.71 8.67
N PRO B 196 2.24 4.22 9.60
CA PRO B 196 2.37 2.80 10.06
C PRO B 196 1.09 2.35 10.78
N CYS B 197 0.85 1.04 10.86
CA CYS B 197 -0.35 0.54 11.55
C CYS B 197 -0.43 1.04 13.01
N GLY B 198 -1.59 1.56 13.38
CA GLY B 198 -1.87 2.16 14.68
C GLY B 198 -3.08 3.05 14.52
N SER B 199 -4.03 2.97 15.47
CA SER B 199 -5.30 3.70 15.38
C SER B 199 -5.46 4.90 16.35
N LYS B 200 -4.35 5.34 16.98
CA LYS B 200 -4.33 6.45 17.94
C LYS B 200 -4.84 7.78 17.36
N GLU B 201 -4.43 8.08 16.10
CA GLU B 201 -4.74 9.33 15.39
C GLU B 201 -5.83 9.15 14.33
N LYS B 202 -5.69 8.09 13.51
CA LYS B 202 -6.62 7.77 12.43
C LYS B 202 -7.11 6.34 12.64
N PRO B 203 -8.43 6.06 12.56
CA PRO B 203 -8.88 4.67 12.76
C PRO B 203 -8.69 3.81 11.52
N GLY B 204 -8.68 2.50 11.72
CA GLY B 204 -8.61 1.53 10.63
C GLY B 204 -9.97 1.49 9.97
N VAL B 205 -9.98 1.34 8.63
CA VAL B 205 -11.19 1.35 7.82
C VAL B 205 -11.64 -0.10 7.50
N TYR B 206 -12.93 -0.38 7.74
CA TYR B 206 -13.51 -1.72 7.59
C TYR B 206 -14.66 -1.65 6.64
N THR B 207 -14.94 -2.75 5.97
CA THR B 207 -16.05 -2.88 5.03
C THR B 207 -17.35 -2.96 5.84
N ASN B 208 -18.35 -2.16 5.44
CA ASN B 208 -19.65 -2.10 6.07
C ASN B 208 -20.49 -3.31 5.63
N VAL B 209 -20.28 -4.45 6.31
CA VAL B 209 -20.93 -5.75 6.05
C VAL B 209 -22.47 -5.63 5.84
N CYS B 210 -23.17 -4.84 6.68
CA CYS B 210 -24.64 -4.61 6.67
C CYS B 210 -25.21 -4.19 5.28
N ARG B 211 -24.42 -3.43 4.50
CA ARG B 211 -24.74 -2.90 3.17
C ARG B 211 -24.66 -4.00 2.10
N TYR B 212 -24.30 -5.23 2.49
CA TYR B 212 -24.12 -6.37 1.58
C TYR B 212 -24.98 -7.61 1.91
N THR B 213 -26.01 -7.49 2.74
CA THR B 213 -26.83 -8.65 3.11
C THR B 213 -27.53 -9.26 1.90
N ASN B 214 -28.07 -8.43 1.00
CA ASN B 214 -28.73 -8.85 -0.25
C ASN B 214 -27.79 -9.57 -1.22
N TRP B 215 -26.58 -8.99 -1.47
CA TRP B 215 -25.58 -9.55 -2.37
C TRP B 215 -25.07 -10.87 -1.88
N ILE B 216 -24.84 -10.99 -0.55
CA ILE B 216 -24.42 -12.26 0.06
C ILE B 216 -25.55 -13.31 -0.03
N GLN B 217 -26.80 -12.93 0.32
CA GLN B 217 -27.93 -13.87 0.28
C GLN B 217 -28.20 -14.38 -1.15
N LYS B 218 -28.03 -13.54 -2.16
CA LYS B 218 -28.21 -13.91 -3.56
C LYS B 218 -27.16 -14.90 -4.07
N THR B 219 -25.91 -14.74 -3.62
CA THR B 219 -24.74 -15.55 -4.02
C THR B 219 -24.76 -16.90 -3.30
N ILE B 220 -25.11 -16.91 -2.01
CA ILE B 220 -25.19 -18.15 -1.24
C ILE B 220 -26.39 -19.02 -1.68
N GLN B 221 -27.58 -18.42 -1.91
CA GLN B 221 -28.77 -19.20 -2.30
C GLN B 221 -28.82 -19.62 -3.79
N ALA B 222 -28.11 -18.91 -4.71
CA ALA B 222 -28.10 -19.24 -6.15
C ALA B 222 -27.58 -20.66 -6.46
UNK UNX C . 2.49 10.83 -15.31
C10 LH2 D . 7.11 3.70 -13.90
C15 LH2 D . 3.88 4.33 -13.71
C20 LH2 D . 1.95 5.37 -12.60
C24 LH2 D . 0.23 6.37 -11.08
C26 LH2 D . -0.21 6.83 -9.85
C28 LH2 D . 0.59 6.68 -8.73
N01 LH2 D . 9.68 1.34 -17.23
C04 LH2 D . 9.64 2.36 -16.37
N05 LH2 D . 10.72 3.05 -16.18
C07 LH2 D . 8.36 2.61 -15.66
C08 LH2 D . 8.30 3.49 -14.57
C12 LH2 D . 5.94 3.06 -14.31
N13 LH2 D . 4.77 3.20 -13.59
C18 LH2 D . 2.92 4.21 -12.54
C23 LH2 D . 1.46 5.75 -11.22
C30 LH2 D . 1.82 6.06 -8.85
C32 LH2 D . 2.32 5.62 -10.09
B33 LH2 D . 3.67 4.91 -10.29
O34 LH2 D . 4.50 4.62 -9.26
O36 LH2 D . 3.68 4.03 -11.34
C37 LH2 D . 6.00 2.18 -15.38
C39 LH2 D . 7.20 1.97 -16.06
C1 GOL E . -0.19 -23.92 5.84
O1 GOL E . 0.36 -24.81 4.88
C2 GOL E . 0.19 -24.29 7.25
O2 GOL E . 1.57 -23.95 7.48
C3 GOL E . -0.69 -23.56 8.25
O3 GOL E . -0.62 -24.14 9.55
C1 GOL F . -25.79 -1.06 -0.65
O1 GOL F . -26.85 -1.86 -1.18
C2 GOL F . -24.68 -0.88 -1.65
O2 GOL F . -23.74 0.07 -1.17
C3 GOL F . -23.97 -2.17 -1.97
O3 GOL F . -23.31 -2.08 -3.23
UNK UNX G . -8.98 -3.53 -0.75
C10 LH2 H . -3.12 -2.00 5.97
C15 LH2 H . -2.36 -4.36 4.23
C20 LH2 H . -2.90 -5.35 2.05
C24 LH2 H . -2.94 -6.65 -0.12
C26 LH2 H . -3.13 -7.81 -0.85
C28 LH2 H . -3.45 -8.98 -0.20
N01 LH2 H . -5.75 -0.81 9.87
C04 LH2 H . -4.67 -0.55 9.11
N05 LH2 H . -3.89 0.43 9.42
C07 LH2 H . -4.42 -1.43 7.92
C08 LH2 H . -3.36 -1.18 7.06
C12 LH2 H . -3.91 -3.13 5.75
N13 LH2 H . -3.69 -3.94 4.66
C18 LH2 H . -2.39 -5.65 3.43
C23 LH2 H . -3.07 -6.64 1.27
C30 LH2 H . -3.58 -9.00 1.19
C32 LH2 H . -3.42 -7.83 1.95
B33 LH2 H . -3.53 -7.78 3.49
O34 LH2 H . -3.47 -8.88 4.26
O36 LH2 H . -3.23 -6.59 4.11
C37 LH2 H . -4.99 -3.37 6.59
C39 LH2 H . -5.25 -2.52 7.67
#